data_6VTZ
#
_entry.id   6VTZ
#
_cell.length_a   139.920
_cell.length_b   139.920
_cell.length_c   71.750
_cell.angle_alpha   90.000
_cell.angle_beta   90.000
_cell.angle_gamma   120.000
#
_symmetry.space_group_name_H-M   'P 32 2 1'
#
loop_
_entity.id
_entity.type
_entity.pdbx_description
1 polymer 'Non-ribosomal peptide synthetase'
2 water water
#
_entity_poly.entity_id   1
_entity_poly.type   'polypeptide(L)'
_entity_poly.pdbx_seq_one_letter_code
;GSGAVELNYVAPKTRLEHEICAIFSSILNIETVGVEDNFFEIGGTSLIASKLIIELLKQGYSVRYDDIFRNKTPRALAKL
LSGEDIGEEDLDLTDDIIKNYNYGEINELLQENTWENFFDGENLELGNVLLTGATGFLGIHILYEFIKSEEGKIYCMLRK
GKFDSCQERLIDVMNDYFDEDFTDLVGSRIIPIEGDITEIDDFKQLEDEPIDTVINSAALVKHYTADDYIFRVNVDGVIN
GLKFAQTRNNIKYVQISTISVLSSYSLNEEAYPNQEYDERTLYYEQDLENKYVCSKFLAERAVLQAATKGLPVKIIRVGN
LMSRYSDGVFQKNYDTNAFLNNIKTIKKLGAMNPAMASEKVDMSQIDYVAKGILALSKTPEKSRVFHCMNNHYISHRDIV
DALNTYGYGIEEVDFEEFKQIYEQNMNENIQGIITADFSIDDFDEEDDFEENVEIEQTVDILHSLGFDWPEADEEYLKRL
FDYLNKFDYFE
;
_entity_poly.pdbx_strand_id   A
#
# COMPACT_ATOMS: atom_id res chain seq x y z
N ASP A 95 -16.22 9.91 -15.51
CA ASP A 95 -15.44 9.32 -16.59
C ASP A 95 -15.23 10.31 -17.74
N ASP A 96 -15.67 11.55 -17.52
CA ASP A 96 -15.28 12.65 -18.41
C ASP A 96 -13.78 12.93 -18.26
N ILE A 97 -13.36 13.21 -17.02
CA ILE A 97 -11.95 13.48 -16.74
C ILE A 97 -11.08 12.26 -17.02
N ILE A 98 -11.65 11.05 -16.95
CA ILE A 98 -10.87 9.84 -17.12
C ILE A 98 -10.71 9.49 -18.60
N LYS A 99 -11.81 9.49 -19.35
CA LYS A 99 -11.74 9.02 -20.74
C LYS A 99 -11.21 10.10 -21.68
N ASN A 100 -11.41 11.37 -21.34
CA ASN A 100 -10.93 12.47 -22.18
C ASN A 100 -9.47 12.76 -21.84
N TYR A 101 -8.61 11.85 -22.28
CA TYR A 101 -7.19 11.87 -21.92
C TYR A 101 -6.45 10.96 -22.88
N ASN A 102 -5.36 11.46 -23.48
CA ASN A 102 -4.56 10.68 -24.41
C ASN A 102 -3.42 9.97 -23.66
N TYR A 103 -3.52 8.64 -23.52
CA TYR A 103 -2.59 7.86 -22.71
C TYR A 103 -1.38 7.36 -23.50
N GLY A 104 -1.18 7.82 -24.73
CA GLY A 104 -0.13 7.25 -25.56
C GLY A 104 1.26 7.41 -24.97
N GLU A 105 1.56 8.60 -24.43
CA GLU A 105 2.86 8.81 -23.82
C GLU A 105 3.07 7.92 -22.61
N ILE A 106 2.13 7.96 -21.66
CA ILE A 106 2.20 7.11 -20.48
C ILE A 106 2.45 5.65 -20.88
N ASN A 107 1.64 5.12 -21.80
CA ASN A 107 1.79 3.71 -22.14
C ASN A 107 3.15 3.42 -22.76
N GLU A 108 3.77 4.40 -23.40
CA GLU A 108 5.06 4.16 -24.02
C GLU A 108 6.13 4.03 -22.95
N LEU A 109 6.01 4.82 -21.88
CA LEU A 109 6.86 4.64 -20.69
C LEU A 109 6.63 3.27 -20.08
N LEU A 110 5.37 2.97 -19.74
CA LEU A 110 5.06 1.66 -19.15
C LEU A 110 5.68 0.52 -19.94
N GLN A 111 5.85 0.68 -21.26
CA GLN A 111 6.44 -0.39 -22.06
C GLN A 111 7.93 -0.57 -21.83
N GLU A 112 8.59 0.40 -21.20
CA GLU A 112 9.99 0.23 -20.78
C GLU A 112 10.13 -0.58 -19.49
N ASN A 113 9.03 -0.91 -18.81
CA ASN A 113 9.07 -1.54 -17.50
C ASN A 113 9.11 -3.05 -17.70
N THR A 114 10.28 -3.50 -18.15
CA THR A 114 10.55 -4.89 -18.44
C THR A 114 11.69 -5.42 -17.57
N TRP A 115 11.77 -6.75 -17.52
CA TRP A 115 12.88 -7.39 -16.82
C TRP A 115 14.24 -7.00 -17.42
N GLU A 116 14.35 -6.95 -18.76
CA GLU A 116 15.65 -6.62 -19.34
C GLU A 116 16.10 -5.24 -18.88
N ASN A 117 15.15 -4.31 -18.76
CA ASN A 117 15.50 -2.95 -18.39
C ASN A 117 15.80 -2.82 -16.89
N PHE A 118 15.19 -3.66 -16.06
CA PHE A 118 15.65 -3.73 -14.67
C PHE A 118 17.06 -4.34 -14.61
N PHE A 119 17.23 -5.50 -15.24
CA PHE A 119 18.48 -6.23 -15.13
C PHE A 119 19.65 -5.43 -15.70
N ASP A 120 19.44 -4.65 -16.76
CA ASP A 120 20.55 -3.88 -17.31
C ASP A 120 20.63 -2.47 -16.76
N GLY A 121 19.60 -1.99 -16.07
CA GLY A 121 19.56 -0.60 -15.68
C GLY A 121 20.48 -0.23 -14.51
N GLU A 122 20.69 1.07 -14.39
CA GLU A 122 21.51 1.64 -13.34
C GLU A 122 20.62 2.01 -12.14
N ASN A 123 20.96 1.47 -10.98
CA ASN A 123 20.13 1.64 -9.79
C ASN A 123 20.18 3.07 -9.26
N LEU A 124 19.16 3.40 -8.48
CA LEU A 124 19.00 4.67 -7.79
C LEU A 124 19.38 4.49 -6.32
N GLU A 125 19.78 5.60 -5.69
CA GLU A 125 20.08 5.63 -4.27
C GLU A 125 18.94 6.30 -3.53
N LEU A 126 18.64 5.79 -2.34
CA LEU A 126 17.58 6.35 -1.51
C LEU A 126 17.93 7.76 -1.03
N GLY A 127 19.16 7.97 -0.56
CA GLY A 127 19.54 9.25 0.02
C GLY A 127 18.64 9.61 1.20
N ASN A 128 18.37 10.91 1.34
CA ASN A 128 17.43 11.40 2.33
C ASN A 128 16.00 11.31 1.79
N VAL A 129 15.10 10.80 2.61
CA VAL A 129 13.72 10.56 2.21
C VAL A 129 12.82 11.63 2.81
N LEU A 130 11.83 12.07 2.05
CA LEU A 130 10.69 12.80 2.59
C LEU A 130 9.52 11.82 2.63
N LEU A 131 9.09 11.47 3.84
CA LEU A 131 8.01 10.51 4.06
C LEU A 131 6.71 11.24 4.42
N THR A 132 5.69 11.07 3.59
CA THR A 132 4.35 11.48 3.97
C THR A 132 3.60 10.25 4.49
N GLY A 133 2.58 10.48 5.31
CA GLY A 133 1.89 9.36 5.91
C GLY A 133 2.65 8.63 7.03
N ALA A 134 3.67 9.26 7.62
CA ALA A 134 4.49 8.58 8.62
C ALA A 134 3.74 8.14 9.87
N THR A 135 2.51 8.63 10.11
CA THR A 135 1.77 8.19 11.30
C THR A 135 0.79 7.04 10.99
N GLY A 136 0.63 6.65 9.73
CA GLY A 136 -0.23 5.55 9.40
C GLY A 136 0.46 4.21 9.52
N PHE A 137 -0.35 3.16 9.35
CA PHE A 137 0.12 1.80 9.52
C PHE A 137 1.31 1.51 8.60
N LEU A 138 1.15 1.77 7.30
CA LEU A 138 2.27 1.56 6.40
C LEU A 138 3.39 2.57 6.64
N GLY A 139 3.05 3.85 6.82
CA GLY A 139 4.08 4.88 6.91
C GLY A 139 5.04 4.63 8.05
N ILE A 140 4.50 4.30 9.23
CA ILE A 140 5.34 4.15 10.41
C ILE A 140 6.28 2.96 10.28
N HIS A 141 5.93 1.97 9.44
CA HIS A 141 6.85 0.85 9.23
C HIS A 141 7.89 1.16 8.15
N ILE A 142 7.52 1.91 7.10
CA ILE A 142 8.56 2.47 6.23
C ILE A 142 9.57 3.24 7.08
N LEU A 143 9.09 4.02 8.05
CA LEU A 143 9.99 4.80 8.90
C LEU A 143 10.92 3.87 9.67
N TYR A 144 10.37 2.85 10.33
CA TYR A 144 11.19 1.88 11.06
C TYR A 144 12.26 1.26 10.15
N GLU A 145 11.85 0.69 9.01
CA GLU A 145 12.82 0.03 8.12
C GLU A 145 13.89 0.99 7.65
N PHE A 146 13.49 2.21 7.31
CA PHE A 146 14.49 3.19 6.90
C PHE A 146 15.56 3.36 7.98
N ILE A 147 15.14 3.58 9.22
CA ILE A 147 16.10 3.80 10.32
C ILE A 147 16.96 2.55 10.55
N LYS A 148 16.37 1.37 10.44
CA LYS A 148 17.10 0.15 10.72
C LYS A 148 18.06 -0.25 9.62
N SER A 149 17.84 0.18 8.36
CA SER A 149 18.68 -0.35 7.29
C SER A 149 19.15 0.68 6.25
N GLU A 150 18.93 1.97 6.45
CA GLU A 150 19.48 2.98 5.55
C GLU A 150 20.23 4.02 6.37
N GLU A 151 21.10 4.77 5.71
CA GLU A 151 21.99 5.69 6.41
C GLU A 151 21.52 7.15 6.44
N GLY A 152 20.60 7.56 5.57
CA GLY A 152 20.26 8.97 5.47
C GLY A 152 19.31 9.47 6.55
N LYS A 153 18.95 10.75 6.41
CA LYS A 153 17.91 11.34 7.22
C LYS A 153 16.57 11.06 6.55
N ILE A 154 15.50 11.22 7.31
CA ILE A 154 14.15 11.03 6.80
C ILE A 154 13.28 12.13 7.40
N TYR A 155 12.66 12.94 6.53
CA TYR A 155 11.79 14.04 6.95
C TYR A 155 10.35 13.57 6.94
N CYS A 156 9.67 13.70 8.07
CA CYS A 156 8.30 13.19 8.22
C CYS A 156 7.33 14.35 8.31
N MET A 157 6.56 14.58 7.25
CA MET A 157 5.53 15.61 7.24
C MET A 157 4.29 15.13 8.00
N LEU A 158 3.90 15.87 9.04
CA LEU A 158 2.70 15.56 9.81
C LEU A 158 2.23 16.81 10.55
N ARG A 159 0.98 16.77 10.99
CA ARG A 159 0.39 17.89 11.75
C ARG A 159 0.58 17.65 13.25
N LYS A 160 0.85 18.74 13.99
CA LYS A 160 1.07 18.63 15.43
C LYS A 160 -0.16 18.12 16.16
N GLY A 161 -1.35 18.41 15.63
CA GLY A 161 -2.62 18.02 16.21
C GLY A 161 -2.79 18.56 17.60
N LYS A 162 -3.46 17.76 18.44
CA LYS A 162 -3.62 18.09 19.85
C LYS A 162 -2.27 18.23 20.53
N PHE A 163 -1.27 17.44 20.12
CA PHE A 163 0.03 17.46 20.75
C PHE A 163 0.65 18.85 20.72
N ASP A 164 1.71 18.99 21.52
CA ASP A 164 2.43 20.26 21.59
C ASP A 164 3.21 20.47 20.29
N SER A 165 4.26 19.69 20.08
CA SER A 165 5.02 19.75 18.83
C SER A 165 4.75 18.51 18.00
N CYS A 166 4.89 18.66 16.69
CA CYS A 166 4.85 17.51 15.80
C CYS A 166 5.95 16.51 16.14
N GLN A 167 7.03 16.95 16.76
CA GLN A 167 8.05 16.01 17.23
C GLN A 167 7.49 15.07 18.30
N GLU A 168 6.65 15.60 19.19
CA GLU A 168 6.10 14.75 20.25
C GLU A 168 5.05 13.80 19.70
N ARG A 169 4.24 14.24 18.73
CA ARG A 169 3.26 13.34 18.13
C ARG A 169 3.93 12.13 17.50
N LEU A 170 5.01 12.36 16.73
CA LEU A 170 5.68 11.26 16.05
C LEU A 170 6.22 10.26 17.06
N ILE A 171 6.84 10.74 18.13
CA ILE A 171 7.40 9.86 19.16
C ILE A 171 6.30 9.05 19.83
N ASP A 172 5.10 9.61 19.95
CA ASP A 172 4.00 8.84 20.52
C ASP A 172 3.61 7.70 19.60
N VAL A 173 3.60 7.94 18.29
CA VAL A 173 3.22 6.89 17.35
C VAL A 173 4.27 5.79 17.31
N MET A 174 5.56 6.15 17.24
CA MET A 174 6.60 5.13 17.24
C MET A 174 6.56 4.29 18.52
N ASN A 175 6.43 4.94 19.67
CA ASN A 175 6.28 4.20 20.93
C ASN A 175 5.08 3.26 20.86
N ASP A 176 3.99 3.70 20.25
CA ASP A 176 2.80 2.86 20.11
C ASP A 176 3.08 1.58 19.32
N TYR A 177 4.07 1.59 18.44
CA TYR A 177 4.28 0.49 17.48
C TYR A 177 5.56 -0.31 17.69
N PHE A 178 6.58 0.28 18.30
CA PHE A 178 7.86 -0.40 18.48
C PHE A 178 8.31 -0.23 19.92
N ASP A 179 8.94 -1.27 20.46
CA ASP A 179 9.37 -1.18 21.85
C ASP A 179 10.59 -0.29 21.98
N GLU A 180 11.50 -0.36 21.01
CA GLU A 180 12.64 0.54 20.94
C GLU A 180 12.23 1.99 21.15
N ASP A 181 13.02 2.72 21.93
CA ASP A 181 12.86 4.17 22.02
C ASP A 181 13.71 4.82 20.94
N PHE A 182 13.11 5.73 20.19
CA PHE A 182 13.78 6.37 19.07
C PHE A 182 13.97 7.86 19.26
N THR A 183 13.72 8.38 20.46
CA THR A 183 13.80 9.82 20.65
C THR A 183 15.21 10.35 20.38
N ASP A 184 16.24 9.53 20.58
CA ASP A 184 17.60 10.04 20.44
C ASP A 184 17.91 10.40 18.98
N LEU A 185 17.31 9.70 18.04
CA LEU A 185 17.48 9.98 16.62
C LEU A 185 16.68 11.18 16.14
N VAL A 186 15.60 11.55 16.85
CA VAL A 186 14.84 12.73 16.45
C VAL A 186 15.74 13.95 16.54
N GLY A 187 15.78 14.73 15.45
CA GLY A 187 16.63 15.89 15.35
C GLY A 187 17.92 15.64 14.60
N SER A 188 18.32 14.38 14.46
CA SER A 188 19.54 14.02 13.73
C SER A 188 19.22 13.18 12.49
N ARG A 189 18.54 12.04 12.65
CA ARG A 189 18.14 11.23 11.50
C ARG A 189 16.66 11.32 11.18
N ILE A 190 15.81 11.59 12.16
CA ILE A 190 14.38 11.76 11.96
C ILE A 190 14.07 13.23 12.17
N ILE A 191 13.72 13.92 11.10
CA ILE A 191 13.38 15.34 11.18
C ILE A 191 11.87 15.46 11.03
N PRO A 192 11.11 15.78 12.10
CA PRO A 192 9.66 15.99 11.94
C PRO A 192 9.38 17.35 11.32
N ILE A 193 8.34 17.39 10.48
CA ILE A 193 8.02 18.55 9.66
C ILE A 193 6.53 18.82 9.77
N GLU A 194 6.17 20.02 10.21
CA GLU A 194 4.77 20.38 10.32
C GLU A 194 4.20 20.64 8.94
N GLY A 195 3.14 19.92 8.58
CA GLY A 195 2.55 20.12 7.26
C GLY A 195 1.58 19.02 6.92
N ASP A 196 0.89 19.24 5.81
CA ASP A 196 -0.15 18.37 5.31
C ASP A 196 -0.07 18.42 3.79
N ILE A 197 -0.05 17.26 3.13
CA ILE A 197 0.21 17.29 1.69
C ILE A 197 -0.88 17.97 0.88
N THR A 198 -2.02 18.32 1.47
CA THR A 198 -3.04 19.05 0.72
C THR A 198 -2.74 20.54 0.61
N GLU A 199 -1.80 21.06 1.40
CA GLU A 199 -1.40 22.46 1.32
C GLU A 199 -0.07 22.54 0.59
N ILE A 200 -0.11 23.01 -0.67
CA ILE A 200 1.10 23.13 -1.46
C ILE A 200 2.14 24.00 -0.75
N ASP A 201 1.71 24.99 0.02
CA ASP A 201 2.67 25.83 0.73
C ASP A 201 3.42 25.06 1.82
N ASP A 202 2.89 23.92 2.28
CA ASP A 202 3.57 23.20 3.35
C ASP A 202 4.84 22.52 2.87
N PHE A 203 5.05 22.42 1.54
CA PHE A 203 6.31 21.93 1.00
C PHE A 203 7.37 23.02 0.82
N LYS A 204 7.00 24.30 0.84
CA LYS A 204 8.01 25.34 0.57
C LYS A 204 9.15 25.31 1.58
N GLN A 205 8.87 24.94 2.83
CA GLN A 205 9.93 24.88 3.84
C GLN A 205 11.00 23.86 3.51
N LEU A 206 10.74 22.93 2.60
CA LEU A 206 11.72 21.90 2.27
C LEU A 206 12.67 22.33 1.16
N GLU A 207 12.47 23.52 0.60
CA GLU A 207 13.25 23.98 -0.55
C GLU A 207 14.75 23.89 -0.27
N ASP A 208 15.16 24.29 0.92
CA ASP A 208 16.58 24.31 1.23
C ASP A 208 17.09 22.99 1.83
N GLU A 209 16.21 22.03 2.12
CA GLU A 209 16.68 20.76 2.68
C GLU A 209 17.15 19.81 1.58
N PRO A 210 18.05 18.89 1.89
CA PRO A 210 18.55 17.94 0.86
C PRO A 210 17.75 16.63 0.73
N ILE A 211 16.62 16.67 0.01
CA ILE A 211 15.83 15.48 -0.25
C ILE A 211 16.20 14.89 -1.59
N ASP A 212 16.31 13.58 -1.61
CA ASP A 212 16.50 12.85 -2.83
C ASP A 212 15.28 12.06 -3.25
N THR A 213 14.44 11.68 -2.30
CA THR A 213 13.35 10.75 -2.54
C THR A 213 12.14 11.15 -1.72
N VAL A 214 10.98 11.19 -2.37
CA VAL A 214 9.70 11.37 -1.69
C VAL A 214 9.00 10.02 -1.73
N ILE A 215 8.64 9.52 -0.57
CA ILE A 215 7.79 8.35 -0.47
C ILE A 215 6.44 8.83 0.03
N ASN A 216 5.43 8.75 -0.83
CA ASN A 216 4.10 9.24 -0.49
C ASN A 216 3.21 8.09 -0.05
N SER A 217 3.16 7.85 1.27
CA SER A 217 2.26 6.85 1.80
C SER A 217 1.05 7.45 2.51
N ALA A 218 0.92 8.77 2.56
CA ALA A 218 -0.33 9.38 3.04
C ALA A 218 -1.45 9.11 2.06
N ALA A 219 -2.58 8.61 2.55
CA ALA A 219 -3.74 8.42 1.69
C ALA A 219 -4.97 8.20 2.56
N LEU A 220 -6.11 8.63 2.03
CA LEU A 220 -7.40 8.35 2.66
C LEU A 220 -7.97 7.08 2.01
N VAL A 221 -8.07 6.01 2.79
CA VAL A 221 -8.59 4.75 2.25
C VAL A 221 -9.96 4.46 2.86
N LYS A 222 -11.00 5.02 2.27
CA LYS A 222 -12.37 4.86 2.73
C LYS A 222 -13.20 4.45 1.52
N HIS A 223 -13.60 3.18 1.48
CA HIS A 223 -14.26 2.61 0.30
C HIS A 223 -15.61 3.26 0.03
N TYR A 224 -16.31 3.73 1.07
CA TYR A 224 -17.54 4.51 0.92
C TYR A 224 -17.36 5.86 1.60
N THR A 225 -17.42 6.94 0.81
CA THR A 225 -17.44 8.30 1.34
C THR A 225 -18.43 9.12 0.53
N ALA A 226 -19.17 9.99 1.22
CA ALA A 226 -20.22 10.79 0.60
C ALA A 226 -19.75 12.17 0.14
N ASP A 227 -18.52 12.57 0.47
CA ASP A 227 -17.94 13.84 0.05
C ASP A 227 -16.67 13.59 -0.76
N ASP A 228 -15.98 14.67 -1.10
CA ASP A 228 -14.87 14.60 -2.05
C ASP A 228 -13.53 14.95 -1.42
N TYR A 229 -13.44 14.93 -0.09
CA TYR A 229 -12.14 15.14 0.56
C TYR A 229 -11.15 14.02 0.25
N ILE A 230 -11.65 12.83 -0.09
CA ILE A 230 -10.76 11.74 -0.51
C ILE A 230 -9.92 12.16 -1.71
N PHE A 231 -10.48 12.99 -2.60
CA PHE A 231 -9.69 13.43 -3.74
C PHE A 231 -8.70 14.53 -3.37
N ARG A 232 -8.92 15.23 -2.28
CA ARG A 232 -7.90 16.17 -1.81
C ARG A 232 -6.65 15.41 -1.39
N VAL A 233 -6.80 14.45 -0.46
CA VAL A 233 -5.65 13.74 0.06
C VAL A 233 -4.99 12.89 -1.02
N ASN A 234 -5.80 12.14 -1.78
CA ASN A 234 -5.26 11.08 -2.64
C ASN A 234 -4.80 11.57 -4.00
N VAL A 235 -5.36 12.65 -4.52
CA VAL A 235 -4.95 13.21 -5.80
C VAL A 235 -4.19 14.51 -5.62
N ASP A 236 -4.80 15.47 -4.93
CA ASP A 236 -4.17 16.78 -4.77
C ASP A 236 -2.91 16.71 -3.93
N GLY A 237 -2.88 15.87 -2.90
CA GLY A 237 -1.67 15.69 -2.12
C GLY A 237 -0.56 15.08 -2.94
N VAL A 238 -0.91 14.26 -3.94
CA VAL A 238 0.09 13.71 -4.84
C VAL A 238 0.59 14.81 -5.78
N ILE A 239 -0.33 15.52 -6.42
CA ILE A 239 0.04 16.63 -7.29
C ILE A 239 0.94 17.63 -6.56
N ASN A 240 0.63 17.93 -5.29
CA ASN A 240 1.47 18.86 -4.52
C ASN A 240 2.88 18.30 -4.33
N GLY A 241 2.98 17.02 -3.96
CA GLY A 241 4.29 16.38 -3.86
C GLY A 241 5.04 16.32 -5.18
N LEU A 242 4.36 15.95 -6.26
CA LEU A 242 5.01 15.97 -7.57
C LEU A 242 5.54 17.35 -7.91
N LYS A 243 4.81 18.40 -7.55
CA LYS A 243 5.25 19.76 -7.84
C LYS A 243 6.48 20.12 -7.01
N PHE A 244 6.53 19.68 -5.75
CA PHE A 244 7.75 19.84 -4.98
C PHE A 244 8.91 19.14 -5.66
N ALA A 245 8.72 17.88 -6.05
CA ALA A 245 9.78 17.12 -6.69
C ALA A 245 10.26 17.81 -7.95
N GLN A 246 9.36 18.50 -8.65
CA GLN A 246 9.76 19.11 -9.92
C GLN A 246 10.49 20.44 -9.75
N THR A 247 10.52 21.02 -8.54
CA THR A 247 11.39 22.16 -8.28
C THR A 247 12.86 21.77 -8.38
N ARG A 248 13.17 20.49 -8.60
CA ARG A 248 14.55 20.02 -8.67
C ARG A 248 14.69 19.07 -9.85
N ASN A 249 15.92 18.62 -10.10
CA ASN A 249 16.16 17.58 -11.11
C ASN A 249 16.75 16.32 -10.49
N ASN A 250 16.82 16.22 -9.16
CA ASN A 250 17.45 15.09 -8.51
C ASN A 250 16.58 14.53 -7.39
N ILE A 251 15.26 14.64 -7.52
CA ILE A 251 14.33 14.11 -6.52
C ILE A 251 13.44 13.08 -7.21
N LYS A 252 13.52 11.81 -6.77
CA LYS A 252 12.57 10.75 -7.09
C LYS A 252 11.24 10.96 -6.36
N TYR A 253 10.16 10.49 -6.96
CA TYR A 253 8.88 10.43 -6.27
C TYR A 253 8.38 8.98 -6.30
N VAL A 254 8.09 8.44 -5.14
CA VAL A 254 7.61 7.07 -5.00
C VAL A 254 6.19 7.13 -4.44
N GLN A 255 5.21 6.78 -5.28
CA GLN A 255 3.81 6.74 -4.87
C GLN A 255 3.43 5.34 -4.40
N ILE A 256 2.79 5.25 -3.24
CA ILE A 256 2.19 4.00 -2.79
C ILE A 256 0.78 3.98 -3.34
N SER A 257 0.52 3.03 -4.24
CA SER A 257 -0.77 2.91 -4.88
C SER A 257 -1.46 1.65 -4.40
N THR A 258 -2.47 1.18 -5.15
CA THR A 258 -3.20 -0.02 -4.79
C THR A 258 -3.42 -0.92 -6.00
N ILE A 259 -3.21 -2.22 -5.81
CA ILE A 259 -3.50 -3.22 -6.85
C ILE A 259 -4.94 -3.07 -7.37
N SER A 260 -5.83 -2.50 -6.56
CA SER A 260 -7.22 -2.32 -6.95
C SER A 260 -7.44 -1.42 -8.17
N VAL A 261 -6.46 -0.59 -8.59
CA VAL A 261 -6.67 0.17 -9.82
C VAL A 261 -6.92 -0.77 -11.00
N LEU A 262 -6.30 -1.95 -11.00
CA LEU A 262 -6.68 -3.06 -11.90
C LEU A 262 -7.95 -3.69 -11.32
N SER A 263 -9.09 -3.05 -11.60
CA SER A 263 -10.30 -3.26 -10.80
C SER A 263 -11.24 -4.32 -11.36
N SER A 264 -11.19 -4.61 -12.66
CA SER A 264 -12.23 -5.39 -13.33
C SER A 264 -11.73 -5.74 -14.73
N TYR A 265 -12.45 -6.66 -15.39
CA TYR A 265 -12.30 -6.79 -16.83
C TYR A 265 -12.65 -5.48 -17.49
N SER A 266 -12.26 -5.33 -18.75
CA SER A 266 -12.55 -4.08 -19.43
C SER A 266 -14.05 -3.90 -19.61
N LEU A 267 -14.51 -2.64 -19.51
CA LEU A 267 -15.91 -2.36 -19.83
C LEU A 267 -16.02 -2.00 -21.31
N ASN A 268 -15.06 -2.47 -22.11
CA ASN A 268 -14.99 -2.12 -23.52
C ASN A 268 -14.05 -3.08 -24.21
N GLU A 269 -14.34 -4.38 -24.09
CA GLU A 269 -13.50 -5.42 -24.68
C GLU A 269 -13.18 -5.13 -26.14
N GLU A 270 -14.10 -4.46 -26.85
CA GLU A 270 -13.90 -4.15 -28.26
C GLU A 270 -12.64 -3.30 -28.47
N ALA A 271 -12.46 -2.27 -27.65
CA ALA A 271 -11.35 -1.32 -27.78
C ALA A 271 -10.08 -1.77 -27.09
N TYR A 272 -10.11 -2.86 -26.32
CA TYR A 272 -8.98 -3.32 -25.53
C TYR A 272 -8.83 -4.83 -25.66
N PRO A 273 -8.48 -5.31 -26.85
CA PRO A 273 -8.31 -6.75 -27.06
C PRO A 273 -7.03 -7.27 -26.46
N ASN A 274 -7.04 -8.56 -26.11
CA ASN A 274 -5.85 -9.25 -25.58
C ASN A 274 -5.29 -8.52 -24.36
N GLN A 275 -6.16 -7.96 -23.54
CA GLN A 275 -5.72 -7.04 -22.49
C GLN A 275 -4.98 -7.79 -21.39
N GLU A 276 -3.78 -7.31 -21.07
CA GLU A 276 -3.03 -7.83 -19.93
C GLU A 276 -3.29 -7.00 -18.67
N TYR A 277 -3.04 -7.62 -17.52
CA TYR A 277 -3.23 -7.00 -16.20
C TYR A 277 -1.94 -7.24 -15.42
N ASP A 278 -0.97 -6.36 -15.64
CA ASP A 278 0.37 -6.50 -15.07
C ASP A 278 0.98 -5.12 -14.84
N GLU A 279 2.27 -5.10 -14.50
CA GLU A 279 3.02 -3.90 -14.14
C GLU A 279 3.24 -2.95 -15.31
N ARG A 280 2.68 -3.22 -16.50
CA ARG A 280 2.74 -2.28 -17.61
C ARG A 280 1.36 -1.78 -17.99
N THR A 281 0.37 -2.05 -17.16
CA THR A 281 -1.03 -1.66 -17.38
C THR A 281 -1.42 -0.53 -16.43
N LEU A 282 -2.04 0.50 -16.98
CA LEU A 282 -2.76 1.50 -16.18
C LEU A 282 -4.23 1.61 -16.57
N TYR A 283 -4.53 1.94 -17.82
CA TYR A 283 -5.90 2.21 -18.24
C TYR A 283 -6.36 1.22 -19.30
N TYR A 284 -7.53 0.65 -19.10
CA TYR A 284 -8.17 -0.13 -20.15
C TYR A 284 -9.69 -0.09 -19.97
N GLU A 285 -10.20 1.08 -19.51
CA GLU A 285 -11.62 1.29 -19.24
C GLU A 285 -12.15 0.27 -18.25
N GLN A 286 -11.40 0.05 -17.18
CA GLN A 286 -11.87 -0.78 -16.07
C GLN A 286 -12.93 -0.02 -15.29
N ASP A 287 -13.55 -0.71 -14.33
CA ASP A 287 -14.54 -0.05 -13.46
C ASP A 287 -13.83 0.90 -12.50
N LEU A 288 -14.08 2.20 -12.67
CA LEU A 288 -13.53 3.22 -11.81
C LEU A 288 -14.62 3.99 -11.10
N GLU A 289 -15.81 3.39 -10.97
CA GLU A 289 -16.92 4.09 -10.33
C GLU A 289 -16.66 4.30 -8.85
N ASN A 290 -15.88 3.43 -8.21
CA ASN A 290 -15.60 3.56 -6.78
C ASN A 290 -14.68 4.75 -6.54
N LYS A 291 -15.04 5.60 -5.57
CA LYS A 291 -14.33 6.87 -5.39
C LYS A 291 -12.87 6.63 -5.00
N TYR A 292 -12.63 5.73 -4.05
CA TYR A 292 -11.26 5.45 -3.64
C TYR A 292 -10.41 4.92 -4.79
N VAL A 293 -10.93 3.93 -5.51
CA VAL A 293 -10.18 3.41 -6.65
C VAL A 293 -9.99 4.51 -7.72
N CYS A 294 -11.04 5.26 -8.02
CA CYS A 294 -10.91 6.34 -8.99
C CYS A 294 -9.84 7.33 -8.57
N SER A 295 -9.71 7.57 -7.26
CA SER A 295 -8.73 8.53 -6.77
C SER A 295 -7.31 8.00 -6.96
N LYS A 296 -7.04 6.76 -6.54
CA LYS A 296 -5.72 6.19 -6.74
C LYS A 296 -5.38 6.10 -8.22
N PHE A 297 -6.38 5.77 -9.06
CA PHE A 297 -6.13 5.78 -10.51
C PHE A 297 -5.64 7.14 -10.96
N LEU A 298 -6.25 8.22 -10.47
CA LEU A 298 -5.89 9.55 -10.93
C LEU A 298 -4.56 10.01 -10.34
N ALA A 299 -4.19 9.53 -9.15
CA ALA A 299 -2.83 9.78 -8.68
C ALA A 299 -1.80 9.06 -9.54
N GLU A 300 -2.04 7.80 -9.89
CA GLU A 300 -1.07 7.12 -10.76
C GLU A 300 -0.93 7.86 -12.08
N ARG A 301 -2.06 8.30 -12.66
CA ARG A 301 -1.98 8.98 -13.94
C ARG A 301 -1.18 10.26 -13.82
N ALA A 302 -1.38 11.00 -12.71
CA ALA A 302 -0.57 12.19 -12.45
C ALA A 302 0.90 11.84 -12.32
N VAL A 303 1.22 10.75 -11.62
CA VAL A 303 2.61 10.40 -11.38
C VAL A 303 3.30 10.03 -12.68
N LEU A 304 2.68 9.15 -13.47
CA LEU A 304 3.24 8.78 -14.77
C LEU A 304 3.24 9.96 -15.73
N GLN A 305 2.25 10.85 -15.66
CA GLN A 305 2.31 12.04 -16.49
C GLN A 305 3.55 12.87 -16.18
N ALA A 306 3.89 13.01 -14.89
CA ALA A 306 5.12 13.70 -14.50
C ALA A 306 6.35 13.02 -15.06
N ALA A 307 6.33 11.68 -15.18
CA ALA A 307 7.47 10.96 -15.75
C ALA A 307 7.68 11.33 -17.22
N THR A 308 6.58 11.50 -17.97
CA THR A 308 6.72 11.92 -19.36
C THR A 308 7.41 13.28 -19.46
N LYS A 309 7.33 14.10 -18.40
CA LYS A 309 8.03 15.39 -18.34
C LYS A 309 9.38 15.32 -17.63
N GLY A 310 9.95 14.13 -17.41
CA GLY A 310 11.30 14.00 -16.90
C GLY A 310 11.47 13.59 -15.45
N LEU A 311 10.39 13.43 -14.70
CA LEU A 311 10.49 13.11 -13.28
C LEU A 311 10.74 11.63 -13.10
N PRO A 312 11.74 11.23 -12.31
CA PRO A 312 11.93 9.80 -12.02
C PRO A 312 10.95 9.36 -10.93
N VAL A 313 10.08 8.40 -11.28
CA VAL A 313 8.95 8.04 -10.45
C VAL A 313 8.86 6.54 -10.31
N LYS A 314 8.13 6.11 -9.30
CA LYS A 314 7.83 4.71 -9.08
C LYS A 314 6.42 4.65 -8.51
N ILE A 315 5.65 3.64 -8.94
CA ILE A 315 4.33 3.37 -8.39
C ILE A 315 4.34 1.95 -7.84
N ILE A 316 4.14 1.82 -6.54
CA ILE A 316 4.19 0.53 -5.87
C ILE A 316 2.78 0.18 -5.43
N ARG A 317 2.14 -0.72 -6.17
CA ARG A 317 0.78 -1.14 -5.86
C ARG A 317 0.81 -2.20 -4.78
N VAL A 318 0.22 -1.92 -3.62
CA VAL A 318 0.16 -2.86 -2.53
C VAL A 318 -1.26 -3.41 -2.43
N GLY A 319 -1.43 -4.43 -1.57
CA GLY A 319 -2.71 -5.11 -1.53
C GLY A 319 -3.37 -5.14 -0.17
N ASN A 320 -3.34 -6.31 0.47
CA ASN A 320 -3.99 -6.53 1.75
C ASN A 320 -2.93 -6.34 2.84
N LEU A 321 -2.92 -5.16 3.47
CA LEU A 321 -1.90 -4.85 4.47
C LEU A 321 -2.26 -5.49 5.80
N MET A 322 -1.47 -6.45 6.24
CA MET A 322 -1.76 -7.31 7.37
C MET A 322 -0.67 -7.17 8.43
N SER A 323 -0.88 -7.83 9.55
CA SER A 323 -0.05 -7.63 10.73
C SER A 323 1.39 -8.07 10.48
N ARG A 324 2.29 -7.50 11.29
CA ARG A 324 3.71 -7.77 11.16
C ARG A 324 3.96 -9.27 11.15
N TYR A 325 4.96 -9.70 10.38
CA TYR A 325 5.37 -11.10 10.41
C TYR A 325 6.17 -11.41 11.66
N SER A 326 7.06 -10.51 12.07
CA SER A 326 7.89 -10.74 13.26
C SER A 326 7.03 -11.07 14.49
N ASP A 327 5.93 -10.33 14.70
CA ASP A 327 5.23 -10.44 15.99
C ASP A 327 3.71 -10.23 15.93
N GLY A 328 3.08 -10.27 14.75
CA GLY A 328 1.63 -10.20 14.64
C GLY A 328 0.98 -8.88 15.02
N VAL A 329 1.77 -7.83 15.30
CA VAL A 329 1.19 -6.52 15.63
C VAL A 329 0.44 -5.95 14.43
N PHE A 330 -0.79 -5.51 14.66
CA PHE A 330 -1.64 -4.94 13.63
C PHE A 330 -1.73 -3.42 13.82
N GLN A 331 -2.55 -2.78 13.01
CA GLN A 331 -2.67 -1.34 13.05
C GLN A 331 -3.41 -0.88 14.31
N LYS A 332 -3.07 0.32 14.77
CA LYS A 332 -3.60 0.86 16.02
C LYS A 332 -5.13 0.97 15.98
N ASN A 333 -5.69 1.34 14.83
CA ASN A 333 -7.14 1.35 14.66
C ASN A 333 -7.58 0.01 14.08
N TYR A 334 -7.53 -1.01 14.94
CA TYR A 334 -7.72 -2.39 14.50
C TYR A 334 -9.10 -2.68 13.92
N ASP A 335 -10.08 -1.80 14.09
CA ASP A 335 -11.44 -2.16 13.72
C ASP A 335 -11.89 -1.66 12.34
N THR A 336 -11.07 -0.90 11.62
CA THR A 336 -11.47 -0.37 10.32
C THR A 336 -11.22 -1.35 9.16
N ASN A 337 -10.59 -2.49 9.40
CA ASN A 337 -10.18 -3.37 8.31
C ASN A 337 -11.35 -4.25 7.86
N ALA A 338 -11.84 -4.03 6.63
CA ALA A 338 -12.96 -4.81 6.13
C ALA A 338 -12.63 -6.29 6.01
N PHE A 339 -11.37 -6.62 5.64
CA PHE A 339 -11.01 -8.02 5.43
C PHE A 339 -11.16 -8.81 6.71
N LEU A 340 -10.58 -8.31 7.80
CA LEU A 340 -10.68 -8.98 9.09
C LEU A 340 -12.08 -8.87 9.66
N ASN A 341 -12.83 -7.83 9.28
CA ASN A 341 -14.22 -7.77 9.71
C ASN A 341 -15.03 -8.94 9.15
N ASN A 342 -14.79 -9.31 7.89
CA ASN A 342 -15.47 -10.49 7.34
C ASN A 342 -14.99 -11.75 8.02
N ILE A 343 -13.72 -11.82 8.42
CA ILE A 343 -13.29 -12.97 9.20
C ILE A 343 -14.07 -13.03 10.50
N LYS A 344 -14.31 -11.87 11.12
CA LYS A 344 -15.02 -11.82 12.40
C LYS A 344 -16.50 -12.16 12.23
N THR A 345 -17.08 -11.83 11.08
CA THR A 345 -18.46 -12.25 10.81
C THR A 345 -18.54 -13.77 10.69
N ILE A 346 -17.71 -14.35 9.82
CA ILE A 346 -17.64 -15.81 9.68
C ILE A 346 -17.42 -16.50 11.02
N LYS A 347 -16.66 -15.88 11.94
CA LYS A 347 -16.48 -16.49 13.26
C LYS A 347 -17.75 -16.43 14.09
N LYS A 348 -18.48 -15.31 14.02
CA LYS A 348 -19.67 -15.18 14.83
C LYS A 348 -20.84 -15.94 14.23
N LEU A 349 -20.97 -15.91 12.90
CA LEU A 349 -21.96 -16.78 12.24
C LEU A 349 -21.66 -18.26 12.43
N GLY A 350 -20.45 -18.59 12.83
CA GLY A 350 -20.10 -19.98 13.01
C GLY A 350 -19.79 -20.76 11.76
N ALA A 351 -20.00 -20.17 10.59
CA ALA A 351 -19.73 -20.89 9.36
C ALA A 351 -19.62 -20.05 8.11
N MET A 352 -19.35 -20.69 6.98
CA MET A 352 -19.20 -20.01 5.72
C MET A 352 -19.51 -20.93 4.57
N ASN A 353 -20.02 -20.41 3.47
CA ASN A 353 -20.31 -21.25 2.34
C ASN A 353 -19.01 -21.54 1.65
N PRO A 354 -19.00 -22.49 0.73
CA PRO A 354 -17.71 -22.81 0.10
C PRO A 354 -17.24 -21.77 -0.93
N ALA A 355 -18.08 -20.83 -1.36
CA ALA A 355 -17.53 -19.70 -2.10
C ALA A 355 -16.65 -18.85 -1.20
N MET A 356 -17.05 -18.70 0.07
CA MET A 356 -16.22 -17.99 1.04
C MET A 356 -14.95 -18.77 1.34
N ALA A 357 -15.08 -20.06 1.63
CA ALA A 357 -13.89 -20.85 1.96
C ALA A 357 -12.86 -20.82 0.85
N SER A 358 -13.30 -20.69 -0.40
CA SER A 358 -12.43 -20.82 -1.56
C SER A 358 -11.71 -19.52 -1.91
N GLU A 359 -12.25 -18.38 -1.48
CA GLU A 359 -11.66 -17.07 -1.72
C GLU A 359 -10.20 -17.04 -1.28
N LYS A 360 -9.32 -16.68 -2.22
CA LYS A 360 -7.89 -16.56 -1.97
C LYS A 360 -7.51 -15.09 -1.77
N VAL A 361 -6.55 -14.85 -0.88
CA VAL A 361 -6.20 -13.50 -0.47
C VAL A 361 -4.69 -13.40 -0.27
N ASP A 362 -4.14 -12.20 -0.46
CA ASP A 362 -2.76 -11.96 -0.08
C ASP A 362 -2.72 -11.50 1.37
N MET A 363 -1.70 -11.93 2.08
CA MET A 363 -1.46 -11.48 3.44
C MET A 363 -0.09 -10.79 3.41
N SER A 364 -0.11 -9.54 2.91
CA SER A 364 1.09 -8.73 2.78
C SER A 364 1.40 -8.17 4.16
N GLN A 365 2.32 -8.85 4.85
CA GLN A 365 2.67 -8.51 6.22
C GLN A 365 3.38 -7.16 6.26
N ILE A 366 2.88 -6.26 7.10
CA ILE A 366 3.22 -4.84 6.95
C ILE A 366 4.72 -4.60 7.03
N ASP A 367 5.45 -5.38 7.83
CA ASP A 367 6.89 -5.15 7.94
C ASP A 367 7.61 -5.57 6.67
N TYR A 368 7.05 -6.53 5.94
CA TYR A 368 7.64 -6.94 4.67
C TYR A 368 7.22 -6.02 3.53
N VAL A 369 6.02 -5.44 3.60
CA VAL A 369 5.68 -4.38 2.65
C VAL A 369 6.69 -3.23 2.75
N ALA A 370 7.06 -2.85 3.98
CA ALA A 370 8.01 -1.74 4.14
C ALA A 370 9.37 -2.11 3.56
N LYS A 371 9.92 -3.27 3.93
CA LYS A 371 11.16 -3.76 3.31
C LYS A 371 11.06 -3.72 1.78
N GLY A 372 9.91 -4.14 1.23
CA GLY A 372 9.78 -4.21 -0.22
C GLY A 372 9.73 -2.84 -0.86
N ILE A 373 9.02 -1.90 -0.23
CA ILE A 373 8.99 -0.52 -0.72
C ILE A 373 10.40 0.08 -0.76
N LEU A 374 11.24 -0.23 0.23
CA LEU A 374 12.56 0.39 0.24
C LEU A 374 13.51 -0.24 -0.76
N ALA A 375 13.33 -1.52 -1.07
CA ALA A 375 14.13 -2.20 -2.07
C ALA A 375 13.74 -1.78 -3.48
N LEU A 376 12.43 -1.69 -3.75
CA LEU A 376 12.00 -1.32 -5.10
C LEU A 376 12.28 0.14 -5.39
N SER A 377 12.48 0.96 -4.37
CA SER A 377 12.81 2.36 -4.59
C SER A 377 14.21 2.55 -5.16
N LYS A 378 15.05 1.53 -5.12
CA LYS A 378 16.40 1.62 -5.64
C LYS A 378 16.54 1.08 -7.06
N THR A 379 15.46 0.55 -7.64
CA THR A 379 15.54 -0.04 -8.97
C THR A 379 15.78 1.04 -10.04
N PRO A 380 16.25 0.64 -11.22
CA PRO A 380 16.56 1.64 -12.27
C PRO A 380 15.35 2.48 -12.63
N GLU A 381 15.61 3.58 -13.35
CA GLU A 381 14.53 4.54 -13.62
C GLU A 381 13.45 3.96 -14.52
N LYS A 382 13.82 3.14 -15.51
CA LYS A 382 12.76 2.58 -16.35
C LYS A 382 11.88 1.56 -15.64
N SER A 383 12.22 1.17 -14.41
CA SER A 383 11.42 0.23 -13.61
C SER A 383 10.45 1.05 -12.78
N ARG A 384 9.27 1.31 -13.33
CA ARG A 384 8.40 2.35 -12.75
C ARG A 384 7.22 1.83 -11.95
N VAL A 385 6.69 0.65 -12.25
CA VAL A 385 5.48 0.16 -11.61
C VAL A 385 5.75 -1.23 -11.04
N PHE A 386 5.27 -1.47 -9.82
CA PHE A 386 5.50 -2.72 -9.11
C PHE A 386 4.21 -3.19 -8.45
N HIS A 387 4.10 -4.50 -8.33
CA HIS A 387 2.97 -5.15 -7.69
C HIS A 387 3.56 -5.84 -6.46
N CYS A 388 3.53 -5.14 -5.34
CA CYS A 388 4.31 -5.47 -4.15
C CYS A 388 3.35 -6.07 -3.12
N MET A 389 3.08 -7.37 -3.26
CA MET A 389 2.12 -8.08 -2.44
C MET A 389 2.56 -9.54 -2.31
N ASN A 390 2.28 -10.11 -1.15
CA ASN A 390 2.71 -11.48 -0.89
C ASN A 390 2.12 -12.42 -1.93
N ASN A 391 2.99 -13.08 -2.70
CA ASN A 391 2.54 -13.89 -3.82
C ASN A 391 2.07 -15.29 -3.42
N HIS A 392 2.35 -15.70 -2.19
CA HIS A 392 1.87 -16.96 -1.64
C HIS A 392 0.47 -16.77 -1.05
N TYR A 393 -0.50 -16.66 -1.95
CA TYR A 393 -1.89 -16.52 -1.54
C TYR A 393 -2.30 -17.67 -0.62
N ILE A 394 -3.24 -17.38 0.27
CA ILE A 394 -3.87 -18.38 1.12
C ILE A 394 -5.38 -18.28 0.90
N SER A 395 -6.10 -19.28 1.38
CA SER A 395 -7.55 -19.30 1.28
C SER A 395 -8.18 -19.08 2.65
N HIS A 396 -9.48 -18.76 2.62
CA HIS A 396 -10.22 -18.69 3.87
C HIS A 396 -10.33 -20.04 4.56
N ARG A 397 -10.21 -21.16 3.82
CA ARG A 397 -10.02 -22.44 4.48
C ARG A 397 -8.79 -22.43 5.38
N ASP A 398 -7.68 -21.90 4.87
CA ASP A 398 -6.47 -21.83 5.69
C ASP A 398 -6.65 -20.93 6.89
N ILE A 399 -7.34 -19.79 6.69
CA ILE A 399 -7.55 -18.84 7.77
C ILE A 399 -8.40 -19.46 8.87
N VAL A 400 -9.59 -19.99 8.52
CA VAL A 400 -10.43 -20.58 9.55
C VAL A 400 -9.78 -21.81 10.16
N ASP A 401 -8.98 -22.57 9.41
CA ASP A 401 -8.24 -23.67 10.01
C ASP A 401 -7.42 -23.17 11.19
N ALA A 402 -6.78 -22.01 11.03
CA ALA A 402 -6.00 -21.47 12.14
C ALA A 402 -6.89 -20.90 13.23
N LEU A 403 -8.05 -20.35 12.84
CA LEU A 403 -8.98 -19.85 13.83
C LEU A 403 -9.52 -20.98 14.68
N ASN A 404 -9.78 -22.13 14.06
CA ASN A 404 -10.35 -23.28 14.74
C ASN A 404 -9.38 -23.87 15.77
N THR A 405 -8.09 -23.51 15.74
CA THR A 405 -7.21 -23.90 16.84
C THR A 405 -7.54 -23.17 18.14
N TYR A 406 -8.43 -22.18 18.10
CA TYR A 406 -8.93 -21.57 19.31
C TYR A 406 -10.22 -22.23 19.81
N GLY A 407 -10.78 -23.16 19.04
CA GLY A 407 -11.98 -23.85 19.42
C GLY A 407 -13.26 -23.21 18.94
N TYR A 408 -13.19 -22.29 17.98
CA TYR A 408 -14.40 -21.65 17.52
C TYR A 408 -15.29 -22.60 16.71
N GLY A 409 -14.79 -23.76 16.32
CA GLY A 409 -15.59 -24.70 15.56
C GLY A 409 -16.26 -24.12 14.34
N ILE A 410 -15.58 -23.23 13.62
CA ILE A 410 -16.13 -22.72 12.37
C ILE A 410 -16.14 -23.85 11.34
N GLU A 411 -17.30 -24.10 10.76
CA GLU A 411 -17.49 -25.20 9.84
C GLU A 411 -17.83 -24.65 8.47
N GLU A 412 -17.54 -25.43 7.44
CA GLU A 412 -17.82 -25.06 6.06
C GLU A 412 -19.13 -25.73 5.67
N VAL A 413 -20.21 -24.96 5.70
CA VAL A 413 -21.52 -25.47 5.36
C VAL A 413 -21.71 -25.40 3.85
N ASP A 414 -22.94 -25.65 3.39
CA ASP A 414 -23.21 -25.60 1.96
C ASP A 414 -23.98 -24.34 1.64
N PHE A 415 -24.08 -24.04 0.35
CA PHE A 415 -24.84 -22.87 -0.10
C PHE A 415 -26.20 -22.81 0.57
N GLU A 416 -26.86 -23.97 0.73
CA GLU A 416 -28.17 -24.02 1.36
C GLU A 416 -28.07 -23.87 2.87
N GLU A 417 -27.34 -24.79 3.51
CA GLU A 417 -27.13 -24.73 4.96
C GLU A 417 -26.68 -23.34 5.41
N PHE A 418 -25.69 -22.76 4.72
CA PHE A 418 -25.19 -21.44 5.10
C PHE A 418 -26.26 -20.37 4.87
N LYS A 419 -26.83 -20.36 3.67
CA LYS A 419 -27.88 -19.38 3.35
C LYS A 419 -29.02 -19.36 4.37
N GLN A 420 -29.04 -20.34 5.26
CA GLN A 420 -30.08 -20.42 6.28
C GLN A 420 -29.60 -19.86 7.61
N ILE A 421 -28.34 -20.09 7.97
CA ILE A 421 -27.81 -19.60 9.23
C ILE A 421 -27.64 -18.09 9.21
N TYR A 422 -27.59 -17.47 8.04
CA TYR A 422 -27.39 -16.02 7.95
C TYR A 422 -28.67 -15.27 8.33
N GLU A 423 -29.75 -15.53 7.57
CA GLU A 423 -31.03 -14.83 7.74
C GLU A 423 -31.53 -14.89 9.19
N GLN A 424 -31.07 -15.85 9.98
CA GLN A 424 -31.40 -15.97 11.39
C GLN A 424 -30.80 -14.87 12.25
N ASN A 425 -30.10 -13.91 11.66
CA ASN A 425 -29.55 -12.77 12.38
C ASN A 425 -29.94 -11.46 11.70
N PHE A 449 -11.70 -12.68 -11.91
CA PHE A 449 -10.81 -11.67 -12.49
C PHE A 449 -9.48 -11.51 -11.76
N GLU A 450 -9.50 -11.56 -10.43
CA GLU A 450 -8.27 -11.30 -9.68
C GLU A 450 -7.18 -12.32 -10.00
N GLU A 451 -7.56 -13.57 -10.33
CA GLU A 451 -6.56 -14.56 -10.72
C GLU A 451 -5.80 -14.11 -11.95
N ASN A 452 -6.44 -13.31 -12.80
CA ASN A 452 -5.80 -12.83 -14.02
C ASN A 452 -4.74 -11.74 -13.76
N VAL A 453 -4.72 -11.14 -12.57
CA VAL A 453 -3.82 -10.03 -12.28
C VAL A 453 -2.44 -10.60 -12.01
N GLU A 454 -1.45 -10.16 -12.79
CA GLU A 454 -0.12 -10.76 -12.76
C GLU A 454 0.83 -9.99 -11.86
N ILE A 455 1.60 -10.72 -11.06
CA ILE A 455 2.56 -10.07 -10.17
C ILE A 455 3.93 -10.73 -10.28
N GLU A 456 4.11 -11.59 -11.30
CA GLU A 456 5.32 -12.40 -11.38
C GLU A 456 6.56 -11.54 -11.64
N GLN A 457 6.42 -10.45 -12.40
CA GLN A 457 7.60 -9.62 -12.66
C GLN A 457 8.12 -8.97 -11.40
N THR A 458 7.23 -8.52 -10.49
CA THR A 458 7.72 -7.93 -9.25
C THR A 458 8.32 -9.00 -8.33
N VAL A 459 7.71 -10.17 -8.27
CA VAL A 459 8.29 -11.26 -7.47
C VAL A 459 9.71 -11.56 -7.95
N ASP A 460 9.93 -11.56 -9.28
CA ASP A 460 11.25 -11.85 -9.82
C ASP A 460 12.25 -10.74 -9.47
N ILE A 461 11.85 -9.48 -9.64
CA ILE A 461 12.72 -8.36 -9.26
C ILE A 461 13.04 -8.41 -7.76
N LEU A 462 12.00 -8.62 -6.94
CA LEU A 462 12.23 -8.67 -5.50
C LEU A 462 13.17 -9.81 -5.12
N HIS A 463 13.04 -10.95 -5.81
CA HIS A 463 13.93 -12.07 -5.52
C HIS A 463 15.37 -11.71 -5.83
N SER A 464 15.59 -11.07 -6.97
CA SER A 464 16.91 -10.63 -7.38
C SER A 464 17.51 -9.63 -6.39
N LEU A 465 16.66 -8.92 -5.64
CA LEU A 465 17.11 -8.02 -4.59
C LEU A 465 17.16 -8.71 -3.24
N GLY A 466 17.12 -10.05 -3.21
CA GLY A 466 17.27 -10.79 -1.97
C GLY A 466 16.06 -10.77 -1.06
N PHE A 467 14.88 -10.55 -1.63
CA PHE A 467 13.63 -10.40 -0.90
C PHE A 467 12.69 -11.51 -1.32
N ASP A 468 12.20 -12.27 -0.34
CA ASP A 468 11.22 -13.31 -0.57
C ASP A 468 10.08 -13.11 0.41
N TRP A 469 8.85 -13.20 -0.07
CA TRP A 469 7.70 -13.04 0.84
C TRP A 469 7.60 -14.24 1.75
N PRO A 470 7.62 -14.06 3.07
CA PRO A 470 7.33 -15.18 3.97
C PRO A 470 5.91 -15.69 3.77
N GLU A 471 5.71 -16.98 4.00
CA GLU A 471 4.37 -17.55 3.83
C GLU A 471 3.47 -17.19 5.00
N ALA A 472 2.24 -16.82 4.69
CA ALA A 472 1.24 -16.61 5.72
C ALA A 472 0.81 -17.96 6.29
N ASP A 473 1.72 -18.66 6.96
CA ASP A 473 1.46 -20.03 7.40
C ASP A 473 0.60 -20.02 8.66
N GLU A 474 0.36 -21.22 9.20
CA GLU A 474 -0.47 -21.34 10.39
C GLU A 474 0.14 -20.64 11.58
N GLU A 475 1.45 -20.73 11.74
CA GLU A 475 2.07 -20.12 12.91
C GLU A 475 2.02 -18.60 12.85
N TYR A 476 2.01 -18.03 11.63
CA TYR A 476 1.87 -16.59 11.48
C TYR A 476 0.43 -16.15 11.73
N LEU A 477 -0.53 -16.88 11.15
CA LEU A 477 -1.93 -16.59 11.42
C LEU A 477 -2.23 -16.63 12.92
N LYS A 478 -1.57 -17.50 13.66
CA LYS A 478 -1.79 -17.51 15.10
C LYS A 478 -1.12 -16.30 15.75
N ARG A 479 0.07 -15.92 15.30
CA ARG A 479 0.65 -14.65 15.74
C ARG A 479 -0.32 -13.50 15.48
N LEU A 480 -0.94 -13.47 14.29
CA LEU A 480 -1.85 -12.40 13.92
C LEU A 480 -3.10 -12.42 14.79
N PHE A 481 -3.71 -13.61 14.99
CA PHE A 481 -4.91 -13.73 15.82
C PHE A 481 -4.62 -13.55 17.32
N ASP A 482 -3.44 -13.96 17.79
CA ASP A 482 -3.07 -13.68 19.17
C ASP A 482 -3.18 -12.20 19.49
N TYR A 483 -2.57 -11.36 18.64
CA TYR A 483 -2.60 -9.92 18.88
C TYR A 483 -4.04 -9.39 18.84
N LEU A 484 -4.81 -9.80 17.83
CA LEU A 484 -6.21 -9.37 17.77
C LEU A 484 -6.96 -9.73 19.04
N ASN A 485 -6.61 -10.86 19.67
CA ASN A 485 -7.37 -11.36 20.81
C ASN A 485 -7.15 -10.54 22.08
N LYS A 486 -6.01 -9.85 22.22
CA LYS A 486 -5.83 -8.92 23.33
C LYS A 486 -6.84 -7.77 23.30
N PHE A 487 -7.50 -7.53 22.18
CA PHE A 487 -8.57 -6.54 22.08
C PHE A 487 -9.94 -7.22 22.11
N ASP A 488 -9.99 -8.50 22.48
CA ASP A 488 -11.20 -9.31 22.45
C ASP A 488 -11.91 -9.16 21.11
N TYR A 489 -11.11 -9.08 20.04
CA TYR A 489 -11.64 -8.90 18.69
C TYR A 489 -12.65 -9.97 18.33
N PHE A 490 -12.47 -11.19 18.85
CA PHE A 490 -13.35 -12.30 18.48
C PHE A 490 -14.37 -12.65 19.56
N GLU A 491 -14.24 -12.10 20.77
CA GLU A 491 -15.14 -12.38 21.90
C GLU A 491 -16.63 -12.20 21.58
#